data_1TRY
#
_entry.id   1TRY
#
_cell.length_a   33.300
_cell.length_b   67.890
_cell.length_c   39.790
_cell.angle_alpha   90.00
_cell.angle_beta   107.33
_cell.angle_gamma   90.00
#
_symmetry.space_group_name_H-M   'P 1 21 1'
#
loop_
_entity.id
_entity.type
_entity.pdbx_description
1 polymer TRYPSIN
2 non-polymer PHOSPHORYLISOPROPANE
3 non-polymer 'ISOPROPYL ALCOHOL'
4 water water
#
_entity_poly.entity_id   1
_entity_poly.type   'polypeptide(L)'
_entity_poly.pdbx_seq_one_letter_code
;IVGGTSASAGDFPFIVSISRNGGPWCGGSLLNANTVLTAAHCVSGYAQSGFQIRAGSLSRTSGGITSSLSSVRVHPSYSG
NNNDLAILKLSTSIPSGGNIGYARLAASGSDPVAGSSATVAGWGATSEGGSSTPVNLLKVTVPIVSRATCRAQYGTSAIT
NQMFCAGVSSGGKDSCQGDSGGPIVDSSNTLIGAVSWGNGCARPNYSGVYASVGALRSFIDTYA
;
_entity_poly.pdbx_strand_id   A
#
# COMPACT_ATOMS: atom_id res chain seq x y z
N ILE A 1 10.28 2.64 3.20
CA ILE A 1 10.61 2.77 1.76
C ILE A 1 12.14 2.80 1.66
N VAL A 2 12.71 1.97 0.80
CA VAL A 2 14.15 1.88 0.59
C VAL A 2 14.52 2.63 -0.68
N GLY A 3 15.47 3.53 -0.60
CA GLY A 3 15.99 4.31 -1.69
C GLY A 3 15.11 5.39 -2.30
N GLY A 4 14.26 5.85 -1.42
CA GLY A 4 13.29 6.87 -1.72
C GLY A 4 13.76 8.27 -1.38
N THR A 5 12.78 9.14 -1.48
CA THR A 5 12.89 10.55 -1.25
C THR A 5 11.65 11.01 -0.49
N SER A 6 11.75 12.18 0.12
CA SER A 6 10.64 12.72 0.91
C SER A 6 9.51 13.15 -0.07
N ALA A 7 8.35 12.82 0.37
CA ALA A 7 7.16 13.23 -0.39
C ALA A 7 6.91 14.70 -0.05
N SER A 8 6.33 15.38 -1.01
CA SER A 8 5.90 16.77 -0.93
C SER A 8 4.42 16.76 -0.54
N ALA A 9 4.08 17.88 0.14
CA ALA A 9 2.68 18.09 0.53
C ALA A 9 1.84 18.02 -0.77
N GLY A 10 0.77 17.28 -0.66
CA GLY A 10 -0.17 17.03 -1.72
C GLY A 10 0.26 16.03 -2.75
N ASP A 11 1.37 15.31 -2.56
CA ASP A 11 1.76 14.28 -3.53
C ASP A 11 0.79 13.12 -3.69
N PHE A 12 0.35 12.68 -2.53
CA PHE A 12 -0.56 11.58 -2.34
C PHE A 12 -1.71 12.03 -1.44
N PRO A 13 -2.68 12.76 -1.99
CA PRO A 13 -3.74 13.30 -1.16
C PRO A 13 -4.53 12.29 -0.42
N PHE A 14 -4.57 11.04 -0.87
CA PHE A 14 -5.35 9.98 -0.36
C PHE A 14 -4.61 9.03 0.60
N ILE A 15 -3.33 9.32 0.79
CA ILE A 15 -2.60 8.34 1.66
C ILE A 15 -2.97 8.54 3.09
N VAL A 16 -3.04 7.44 3.81
CA VAL A 16 -3.29 7.42 5.24
C VAL A 16 -2.20 6.52 5.91
N SER A 17 -1.82 6.94 7.12
CA SER A 17 -0.89 6.16 7.93
C SER A 17 -1.82 5.43 8.88
N ILE A 18 -1.52 4.17 9.18
CA ILE A 18 -2.25 3.31 10.06
C ILE A 18 -1.34 2.93 11.26
N SER A 19 -1.72 3.38 12.43
CA SER A 19 -0.95 2.99 13.62
C SER A 19 -1.68 1.83 14.28
N ARG A 20 -0.96 1.03 15.08
CA ARG A 20 -1.51 -0.09 15.85
C ARG A 20 -0.83 -0.04 17.26
N ASN A 21 -1.67 -0.06 18.23
CA ASN A 21 -1.18 0.03 19.63
C ASN A 21 -0.32 1.24 19.80
N GLY A 22 -0.67 2.32 19.11
CA GLY A 22 -0.01 3.59 19.09
C GLY A 22 1.33 3.64 18.42
N GLY A 23 1.73 2.60 17.71
CA GLY A 23 3.00 2.56 17.00
C GLY A 23 2.75 2.42 15.49
N PRO A 24 3.77 2.70 14.72
CA PRO A 24 3.70 2.59 13.26
C PRO A 24 3.40 1.16 12.89
N TRP A 25 2.60 1.02 11.82
CA TRP A 25 2.19 -0.34 11.43
C TRP A 25 2.01 -0.54 9.94
N CYS A 26 1.16 0.28 9.35
CA CYS A 26 0.93 0.13 7.92
C CYS A 26 0.53 1.46 7.27
N GLY A 27 0.33 1.42 5.99
CA GLY A 27 -0.16 2.52 5.15
C GLY A 27 -1.52 2.06 4.60
N GLY A 28 -2.17 3.02 3.93
CA GLY A 28 -3.49 2.79 3.34
C GLY A 28 -3.87 3.93 2.39
N SER A 29 -4.99 3.72 1.69
CA SER A 29 -5.46 4.68 0.72
C SER A 29 -6.94 5.02 0.99
N LEU A 30 -7.18 6.35 1.02
CA LEU A 30 -8.57 6.82 1.23
C LEU A 30 -9.31 6.75 -0.10
N LEU A 31 -10.37 5.99 -0.13
CA LEU A 31 -11.23 5.76 -1.29
C LEU A 31 -12.40 6.76 -1.35
N ASN A 32 -12.85 7.12 -0.17
CA ASN A 32 -13.95 8.09 -0.03
C ASN A 32 -14.00 8.55 1.42
N ALA A 33 -14.99 9.35 1.85
CA ALA A 33 -14.97 9.84 3.23
C ALA A 33 -14.91 8.86 4.35
N ASN A 34 -15.36 7.62 4.22
CA ASN A 34 -15.30 6.72 5.34
C ASN A 34 -14.71 5.33 5.01
N THR A 35 -13.95 5.30 3.95
CA THR A 35 -13.40 3.99 3.52
C THR A 35 -11.94 4.07 3.14
N VAL A 36 -11.20 3.14 3.73
CA VAL A 36 -9.77 2.98 3.47
C VAL A 36 -9.47 1.56 2.93
N LEU A 37 -8.59 1.60 1.93
CA LEU A 37 -8.05 0.38 1.31
C LEU A 37 -6.63 0.15 1.91
N THR A 38 -6.47 -1.10 2.41
CA THR A 38 -5.18 -1.52 2.98
C THR A 38 -4.92 -3.00 2.64
N ALA A 39 -3.78 -3.52 3.14
CA ALA A 39 -3.45 -4.92 2.92
C ALA A 39 -4.16 -5.72 3.98
N ALA A 40 -4.76 -6.86 3.63
CA ALA A 40 -5.44 -7.71 4.59
C ALA A 40 -4.49 -8.13 5.72
N HIS A 41 -3.22 -8.37 5.41
CA HIS A 41 -2.28 -8.82 6.43
C HIS A 41 -2.00 -7.77 7.52
N CYS A 42 -2.30 -6.49 7.22
CA CYS A 42 -2.20 -5.42 8.21
C CYS A 42 -3.29 -5.51 9.27
N VAL A 43 -4.44 -6.06 8.98
CA VAL A 43 -5.58 -6.12 9.87
C VAL A 43 -6.22 -7.44 10.21
N SER A 44 -6.00 -8.46 9.37
CA SER A 44 -6.66 -9.76 9.55
C SER A 44 -6.43 -10.41 10.93
N GLY A 45 -7.54 -10.69 11.54
CA GLY A 45 -7.59 -11.28 12.86
C GLY A 45 -7.16 -10.47 14.07
N TYR A 46 -6.57 -9.30 13.92
CA TYR A 46 -6.14 -8.44 15.02
C TYR A 46 -7.31 -7.63 15.63
N ALA A 47 -7.14 -7.21 16.89
CA ALA A 47 -8.24 -6.46 17.55
C ALA A 47 -8.37 -5.11 16.81
N GLN A 48 -9.59 -4.86 16.32
CA GLN A 48 -9.73 -3.59 15.54
C GLN A 48 -9.57 -2.31 16.34
N SER A 49 -9.80 -2.39 17.63
CA SER A 49 -9.65 -1.24 18.54
C SER A 49 -8.25 -0.73 18.64
N GLY A 50 -7.23 -1.51 18.18
CA GLY A 50 -5.84 -1.08 18.25
C GLY A 50 -5.34 -0.10 17.19
N PHE A 51 -6.19 0.03 16.17
CA PHE A 51 -5.87 0.83 15.00
C PHE A 51 -6.42 2.26 15.01
N GLN A 52 -5.61 3.07 14.42
CA GLN A 52 -5.93 4.48 14.20
C GLN A 52 -5.43 4.87 12.81
N ILE A 53 -6.21 5.65 12.10
CA ILE A 53 -5.84 6.12 10.76
C ILE A 53 -5.58 7.63 10.89
N ARG A 54 -4.66 8.09 10.10
CA ARG A 54 -4.32 9.52 10.05
C ARG A 54 -4.25 9.94 8.59
N ALA A 55 -5.05 10.97 8.23
CA ALA A 55 -5.03 11.48 6.83
C ALA A 55 -4.68 12.96 6.78
N GLY A 56 -4.25 13.46 5.66
CA GLY A 56 -3.94 14.87 5.49
C GLY A 56 -2.64 15.36 6.09
N SER A 57 -1.75 14.40 6.36
CA SER A 57 -0.45 14.77 6.91
C SER A 57 0.70 13.98 6.29
N LEU A 58 1.81 14.64 6.14
CA LEU A 58 3.05 14.01 5.70
C LEU A 58 3.60 13.23 6.92
N SER A 59 3.15 13.66 8.10
CA SER A 59 3.64 13.00 9.33
C SER A 59 2.75 11.89 9.78
N ARG A 60 3.32 10.80 10.30
CA ARG A 60 2.50 9.77 10.84
C ARG A 60 2.08 10.01 12.32
N THR A 61 2.72 11.00 12.95
CA THR A 61 2.39 11.27 14.38
C THR A 61 1.56 12.49 14.72
N SER A 62 1.54 13.44 13.79
CA SER A 62 0.78 14.67 14.02
C SER A 62 0.28 15.31 12.74
N GLY A 63 -0.70 16.17 12.96
CA GLY A 63 -1.36 16.90 11.89
C GLY A 63 -2.45 15.96 11.32
N GLY A 64 -3.25 16.68 10.54
CA GLY A 64 -4.35 16.03 9.84
C GLY A 64 -5.45 15.55 10.71
N ILE A 65 -6.22 14.62 10.19
CA ILE A 65 -7.40 14.08 10.78
C ILE A 65 -7.22 12.63 11.11
N THR A 66 -7.63 12.29 12.30
CA THR A 66 -7.54 10.88 12.73
C THR A 66 -8.89 10.24 12.82
N SER A 67 -8.98 8.91 12.77
CA SER A 67 -10.20 8.17 12.94
C SER A 67 -9.87 6.76 13.49
N SER A 68 -10.83 6.26 14.20
CA SER A 68 -10.84 4.87 14.68
C SER A 68 -11.65 4.14 13.59
N LEU A 69 -11.64 2.82 13.73
CA LEU A 69 -12.33 1.94 12.79
C LEU A 69 -13.67 1.51 13.36
N SER A 70 -14.62 1.46 12.46
CA SER A 70 -15.97 1.00 12.71
C SER A 70 -16.07 -0.49 12.27
N SER A 71 -15.44 -0.80 11.13
CA SER A 71 -15.48 -2.20 10.66
C SER A 71 -14.29 -2.42 9.71
N VAL A 72 -14.01 -3.70 9.52
CA VAL A 72 -12.93 -4.23 8.73
C VAL A 72 -13.50 -5.37 7.88
N ARG A 73 -13.27 -5.36 6.59
CA ARG A 73 -13.70 -6.39 5.64
C ARG A 73 -12.42 -6.85 4.91
N VAL A 74 -11.96 -8.05 5.30
CA VAL A 74 -10.78 -8.66 4.72
C VAL A 74 -11.24 -9.48 3.51
N HIS A 75 -10.52 -9.45 2.40
CA HIS A 75 -10.92 -10.26 1.24
C HIS A 75 -11.19 -11.70 1.76
N PRO A 76 -12.32 -12.26 1.36
CA PRO A 76 -12.76 -13.59 1.83
C PRO A 76 -11.83 -14.75 1.53
N SER A 77 -11.05 -14.57 0.48
CA SER A 77 -10.10 -15.60 0.04
C SER A 77 -8.66 -15.27 0.35
N TYR A 78 -8.55 -14.31 1.27
CA TYR A 78 -7.22 -13.89 1.70
C TYR A 78 -6.60 -15.15 2.34
N SER A 79 -5.45 -15.49 1.80
CA SER A 79 -4.73 -16.67 2.30
C SER A 79 -3.33 -16.58 1.67
N GLY A 80 -2.52 -16.80 2.67
CA GLY A 80 -1.08 -16.76 2.52
C GLY A 80 -0.84 -15.25 2.21
N ASN A 81 -0.32 -15.08 1.03
CA ASN A 81 -0.01 -13.76 0.51
C ASN A 81 -1.02 -13.42 -0.59
N ASN A 82 -1.97 -14.30 -0.81
CA ASN A 82 -2.88 -13.98 -1.92
C ASN A 82 -4.15 -13.26 -1.50
N ASN A 83 -4.60 -12.42 -2.46
CA ASN A 83 -5.80 -11.57 -2.23
C ASN A 83 -5.62 -10.70 -0.97
N ASP A 84 -4.46 -10.06 -0.94
CA ASP A 84 -4.08 -9.31 0.28
C ASP A 84 -4.68 -7.91 0.35
N LEU A 85 -5.98 -7.86 0.40
CA LEU A 85 -6.69 -6.57 0.49
C LEU A 85 -7.76 -6.68 1.58
N ALA A 86 -7.95 -5.48 2.20
CA ALA A 86 -8.96 -5.28 3.22
C ALA A 86 -9.53 -3.83 3.05
N ILE A 87 -10.81 -3.79 3.38
CA ILE A 87 -11.53 -2.50 3.30
C ILE A 87 -11.81 -2.09 4.75
N LEU A 88 -11.43 -0.85 5.12
CA LEU A 88 -11.69 -0.38 6.46
C LEU A 88 -12.76 0.75 6.41
N LYS A 89 -13.67 0.62 7.34
CA LYS A 89 -14.74 1.64 7.46
C LYS A 89 -14.35 2.52 8.66
N LEU A 90 -14.39 3.85 8.52
CA LEU A 90 -13.96 4.76 9.56
C LEU A 90 -15.13 5.29 10.37
N SER A 91 -14.88 5.47 11.65
CA SER A 91 -15.91 6.00 12.55
C SER A 91 -15.95 7.52 12.42
N THR A 92 -15.01 8.19 11.88
CA THR A 92 -14.93 9.63 11.63
C THR A 92 -14.74 9.82 10.11
N SER A 93 -15.69 10.54 9.52
CA SER A 93 -15.64 10.84 8.07
C SER A 93 -14.58 11.87 7.79
N ILE A 94 -13.88 11.71 6.69
CA ILE A 94 -12.79 12.54 6.25
C ILE A 94 -13.13 13.20 4.93
N PRO A 95 -13.50 14.48 5.00
CA PRO A 95 -13.87 15.23 3.80
C PRO A 95 -12.69 15.60 2.97
N SER A 96 -12.89 15.63 1.65
CA SER A 96 -11.85 16.02 0.71
C SER A 96 -11.74 17.55 0.76
N GLY A 97 -10.56 18.08 0.49
CA GLY A 97 -10.29 19.51 0.53
C GLY A 97 -8.93 19.69 1.14
N GLY A 98 -8.25 20.77 0.79
CA GLY A 98 -6.91 20.98 1.33
C GLY A 98 -6.03 19.90 0.73
N ASN A 99 -5.26 19.23 1.59
CA ASN A 99 -4.36 18.20 1.07
C ASN A 99 -4.97 16.81 1.12
N ILE A 100 -6.25 16.77 1.33
CA ILE A 100 -6.97 15.49 1.39
C ILE A 100 -7.79 15.29 0.11
N GLY A 101 -7.59 14.12 -0.48
CA GLY A 101 -8.33 13.74 -1.69
C GLY A 101 -8.50 12.23 -1.69
N TYR A 102 -9.35 11.77 -2.59
CA TYR A 102 -9.71 10.35 -2.69
C TYR A 102 -9.02 9.73 -3.90
N ALA A 103 -8.66 8.46 -3.73
CA ALA A 103 -7.90 7.82 -4.81
C ALA A 103 -8.79 7.49 -6.06
N ARG A 104 -8.15 7.51 -7.20
CA ARG A 104 -8.76 7.07 -8.47
C ARG A 104 -8.18 5.63 -8.68
N LEU A 105 -9.04 4.65 -8.74
CA LEU A 105 -8.71 3.25 -8.90
C LEU A 105 -8.46 2.78 -10.31
N ALA A 106 -7.58 1.79 -10.47
CA ALA A 106 -7.35 1.23 -11.80
C ALA A 106 -8.67 0.46 -12.18
N ALA A 107 -8.82 0.40 -13.51
CA ALA A 107 -9.97 -0.26 -14.12
C ALA A 107 -9.99 -1.75 -13.81
N SER A 108 -11.20 -2.27 -13.71
CA SER A 108 -11.37 -3.70 -13.51
C SER A 108 -10.70 -4.36 -14.73
N GLY A 109 -9.96 -5.41 -14.48
CA GLY A 109 -9.20 -6.20 -15.37
C GLY A 109 -7.92 -5.64 -15.87
N SER A 110 -7.55 -4.43 -15.42
CA SER A 110 -6.27 -3.86 -15.88
C SER A 110 -5.13 -4.60 -15.11
N ASP A 111 -4.02 -4.63 -15.74
CA ASP A 111 -2.76 -5.25 -15.25
C ASP A 111 -1.67 -4.31 -15.59
N PRO A 112 -0.87 -3.85 -14.61
CA PRO A 112 0.20 -2.94 -14.90
C PRO A 112 1.16 -3.56 -15.90
N VAL A 113 1.62 -2.69 -16.76
CA VAL A 113 2.50 -3.04 -17.87
C VAL A 113 3.97 -3.05 -17.48
N ALA A 114 4.58 -4.22 -17.74
CA ALA A 114 5.99 -4.36 -17.43
C ALA A 114 6.75 -3.20 -18.01
N GLY A 115 7.63 -2.65 -17.21
CA GLY A 115 8.47 -1.55 -17.67
C GLY A 115 7.94 -0.17 -17.39
N SER A 116 6.64 -0.06 -17.16
CA SER A 116 6.08 1.28 -16.87
C SER A 116 6.51 1.69 -15.44
N SER A 117 6.47 2.98 -15.18
CA SER A 117 6.86 3.58 -13.89
C SER A 117 5.68 3.58 -12.93
N ALA A 118 6.07 3.24 -11.72
CA ALA A 118 5.12 3.19 -10.62
C ALA A 118 5.81 3.85 -9.39
N THR A 119 5.02 4.51 -8.59
CA THR A 119 5.51 5.18 -7.38
C THR A 119 4.81 4.62 -6.16
N VAL A 120 5.62 4.24 -5.17
CA VAL A 120 5.14 3.69 -3.91
C VAL A 120 5.53 4.67 -2.78
N ALA A 121 4.67 4.75 -1.79
CA ALA A 121 4.92 5.66 -0.66
C ALA A 121 4.54 4.97 0.62
N GLY A 122 5.27 5.43 1.68
CA GLY A 122 5.00 4.93 3.00
C GLY A 122 5.99 5.49 4.07
N TRP A 123 5.69 4.96 5.25
CA TRP A 123 6.44 5.32 6.48
C TRP A 123 7.24 4.11 7.01
N GLY A 124 7.50 3.16 6.13
CA GLY A 124 8.21 1.96 6.56
C GLY A 124 9.68 2.15 6.66
N ALA A 125 10.35 1.02 7.03
CA ALA A 125 11.81 1.00 7.16
C ALA A 125 12.51 1.48 5.93
N THR A 126 13.70 2.08 6.10
CA THR A 126 14.48 2.58 4.99
C THR A 126 15.64 1.66 4.55
N SER A 127 15.70 0.56 5.24
CA SER A 127 16.63 -0.53 5.00
C SER A 127 16.04 -1.81 5.57
N GLU A 128 16.41 -2.94 4.91
CA GLU A 128 15.97 -4.25 5.41
C GLU A 128 16.60 -4.40 6.81
N GLY A 129 15.84 -4.82 7.77
CA GLY A 129 16.34 -4.94 9.14
C GLY A 129 16.63 -3.63 9.89
N GLY A 130 16.34 -2.50 9.27
CA GLY A 130 16.48 -1.14 9.76
C GLY A 130 15.55 -1.00 10.98
N SER A 131 16.06 -0.21 11.92
CA SER A 131 15.40 0.06 13.21
C SER A 131 14.32 1.13 13.23
N SER A 132 14.78 2.30 12.84
CA SER A 132 14.08 3.55 12.76
C SER A 132 13.03 3.58 11.61
N THR A 133 11.94 4.23 11.97
CA THR A 133 10.80 4.45 11.09
C THR A 133 10.65 5.96 10.91
N PRO A 134 10.67 6.40 9.68
CA PRO A 134 10.52 7.81 9.39
C PRO A 134 9.18 8.34 9.91
N VAL A 135 9.26 9.62 10.30
CA VAL A 135 8.05 10.30 10.78
C VAL A 135 7.33 10.91 9.57
N ASN A 136 8.09 11.35 8.63
CA ASN A 136 7.56 11.98 7.42
C ASN A 136 7.63 11.00 6.25
N LEU A 137 6.60 11.13 5.42
CA LEU A 137 6.41 10.23 4.28
C LEU A 137 7.50 10.24 3.26
N LEU A 138 7.85 8.99 2.84
CA LEU A 138 8.82 8.80 1.79
C LEU A 138 8.18 8.18 0.52
N LYS A 139 8.82 8.41 -0.61
CA LYS A 139 8.28 7.79 -1.84
C LYS A 139 9.42 7.31 -2.70
N VAL A 140 9.11 6.33 -3.56
CA VAL A 140 10.08 5.78 -4.48
C VAL A 140 9.41 5.38 -5.80
N THR A 141 10.16 5.58 -6.87
CA THR A 141 9.63 5.20 -8.22
C THR A 141 10.41 3.98 -8.70
N VAL A 142 9.65 2.97 -9.06
CA VAL A 142 10.19 1.72 -9.56
C VAL A 142 9.40 1.25 -10.79
N PRO A 143 10.09 0.52 -11.68
CA PRO A 143 9.34 0.03 -12.83
C PRO A 143 8.62 -1.25 -12.47
N ILE A 144 7.53 -1.51 -13.21
CA ILE A 144 6.77 -2.76 -13.10
C ILE A 144 7.65 -3.86 -13.75
N VAL A 145 7.60 -4.99 -13.02
CA VAL A 145 8.34 -6.19 -13.41
C VAL A 145 7.34 -7.18 -13.93
N SER A 146 7.65 -7.74 -15.12
CA SER A 146 6.68 -8.71 -15.69
C SER A 146 6.43 -9.87 -14.73
N ARG A 147 5.24 -10.40 -14.75
CA ARG A 147 4.85 -11.51 -13.93
C ARG A 147 5.74 -12.73 -14.23
N ALA A 148 6.19 -12.81 -15.47
CA ALA A 148 7.02 -13.96 -15.84
C ALA A 148 8.35 -13.92 -15.09
N THR A 149 8.99 -12.75 -15.12
CA THR A 149 10.26 -12.54 -14.44
C THR A 149 10.08 -12.72 -12.93
N CYS A 150 8.95 -12.19 -12.44
CA CYS A 150 8.61 -12.32 -11.04
C CYS A 150 8.46 -13.77 -10.61
N ARG A 151 7.82 -14.59 -11.48
CA ARG A 151 7.66 -16.03 -11.17
C ARG A 151 9.03 -16.74 -11.25
N ALA A 152 9.88 -16.18 -12.08
CA ALA A 152 11.26 -16.69 -12.19
C ALA A 152 11.94 -16.51 -10.82
N GLN A 153 11.74 -15.35 -10.20
CA GLN A 153 12.30 -15.01 -8.90
C GLN A 153 11.70 -15.79 -7.75
N TYR A 154 10.39 -15.87 -7.62
CA TYR A 154 9.71 -16.53 -6.56
C TYR A 154 9.06 -17.89 -6.77
N GLY A 155 8.85 -18.30 -8.03
CA GLY A 155 8.15 -19.58 -8.28
C GLY A 155 6.86 -19.20 -9.03
N THR A 156 6.54 -20.06 -9.99
CA THR A 156 5.34 -19.86 -10.80
C THR A 156 4.09 -19.79 -9.97
N SER A 157 3.97 -20.62 -8.94
CA SER A 157 2.77 -20.61 -8.12
C SER A 157 2.73 -19.62 -6.96
N ALA A 158 3.84 -18.92 -6.75
CA ALA A 158 3.89 -17.94 -5.66
C ALA A 158 3.31 -16.60 -6.11
N ILE A 159 3.41 -16.35 -7.40
CA ILE A 159 2.95 -15.10 -8.01
C ILE A 159 1.69 -15.39 -8.82
N THR A 160 0.57 -14.94 -8.32
CA THR A 160 -0.71 -15.09 -8.95
C THR A 160 -1.10 -13.87 -9.77
N ASN A 161 -2.27 -13.99 -10.46
CA ASN A 161 -2.74 -12.87 -11.29
C ASN A 161 -3.44 -11.81 -10.45
N GLN A 162 -3.48 -12.02 -9.14
CA GLN A 162 -4.01 -11.05 -8.15
C GLN A 162 -2.87 -10.25 -7.52
N MET A 163 -1.68 -10.44 -8.01
CA MET A 163 -0.44 -9.79 -7.64
C MET A 163 0.22 -9.24 -8.88
N PHE A 164 1.10 -8.27 -8.71
CA PHE A 164 1.98 -7.69 -9.68
C PHE A 164 3.31 -7.34 -8.98
N CYS A 165 4.34 -7.18 -9.72
CA CYS A 165 5.65 -6.93 -9.09
C CYS A 165 6.24 -5.68 -9.63
N ALA A 166 7.15 -5.14 -8.85
CA ALA A 166 7.86 -3.93 -9.13
C ALA A 166 9.15 -3.88 -8.36
N GLY A 167 10.12 -3.39 -9.08
CA GLY A 167 11.45 -3.29 -8.49
C GLY A 167 12.45 -3.18 -9.60
N VAL A 168 13.67 -3.05 -9.14
CA VAL A 168 14.85 -2.93 -10.00
C VAL A 168 15.65 -4.22 -9.80
N SER A 169 16.09 -4.75 -10.94
CA SER A 169 16.84 -6.00 -10.90
C SER A 169 18.05 -5.93 -9.97
N SER A 170 18.75 -4.82 -10.00
CA SER A 170 19.93 -4.62 -9.16
C SER A 170 19.58 -4.35 -7.70
N GLY A 171 18.32 -4.14 -7.44
CA GLY A 171 17.72 -3.85 -6.15
C GLY A 171 18.00 -2.41 -5.73
N GLY A 172 17.71 -2.19 -4.45
CA GLY A 172 17.95 -0.88 -3.85
C GLY A 172 16.83 0.14 -3.69
N LYS A 173 15.74 -0.23 -4.31
CA LYS A 173 14.53 0.59 -4.31
C LYS A 173 13.39 -0.43 -4.09
N ASP A 174 12.68 -0.14 -3.04
CA ASP A 174 11.59 -1.00 -2.68
C ASP A 174 10.79 -0.40 -1.48
N SER A 175 9.72 -1.09 -1.22
CA SER A 175 8.80 -0.94 -0.11
C SER A 175 9.43 -1.84 0.95
N CYS A 176 9.25 -1.65 2.20
CA CYS A 176 9.84 -2.42 3.32
C CYS A 176 8.88 -2.51 4.47
N GLN A 177 9.29 -3.09 5.59
CA GLN A 177 8.49 -3.30 6.76
C GLN A 177 7.86 -1.99 7.25
N GLY A 178 6.56 -1.98 7.39
CA GLY A 178 5.77 -0.81 7.77
C GLY A 178 5.16 -0.07 6.57
N ASP A 179 5.59 -0.45 5.33
CA ASP A 179 4.97 0.13 4.14
C ASP A 179 3.75 -0.66 3.73
N SER A 180 3.51 -1.81 4.27
CA SER A 180 2.39 -2.65 3.90
C SER A 180 1.06 -1.92 3.83
N GLY A 181 0.26 -2.22 2.81
CA GLY A 181 -1.09 -1.62 2.66
C GLY A 181 -1.05 -0.27 1.93
N GLY A 182 0.05 0.40 1.91
CA GLY A 182 0.12 1.70 1.29
C GLY A 182 0.02 1.65 -0.22
N PRO A 183 -0.09 2.82 -0.84
CA PRO A 183 -0.28 2.88 -2.26
C PRO A 183 0.87 2.72 -3.17
N ILE A 184 0.56 2.16 -4.33
CA ILE A 184 1.45 2.10 -5.47
C ILE A 184 0.62 2.69 -6.64
N VAL A 185 1.13 3.70 -7.26
CA VAL A 185 0.37 4.39 -8.33
C VAL A 185 1.11 4.37 -9.62
N ASP A 186 0.37 4.58 -10.72
CA ASP A 186 1.02 4.63 -12.03
C ASP A 186 1.45 6.04 -12.30
N SER A 187 1.99 6.34 -13.43
CA SER A 187 2.51 7.67 -13.82
C SER A 187 1.56 8.86 -13.81
N SER A 188 0.30 8.50 -13.79
CA SER A 188 -0.86 9.38 -13.78
C SER A 188 -1.53 9.52 -12.42
N ASN A 189 -0.98 8.86 -11.41
CA ASN A 189 -1.44 8.87 -10.05
C ASN A 189 -2.66 8.04 -9.74
N THR A 190 -2.91 7.08 -10.64
CA THR A 190 -3.99 6.12 -10.51
C THR A 190 -3.49 5.00 -9.56
N LEU A 191 -4.27 4.65 -8.62
CA LEU A 191 -3.97 3.58 -7.66
C LEU A 191 -4.07 2.19 -8.34
N ILE A 192 -2.88 1.58 -8.49
CA ILE A 192 -2.87 0.25 -9.11
C ILE A 192 -2.63 -0.91 -8.20
N GLY A 193 -2.19 -0.61 -6.96
CA GLY A 193 -1.99 -1.68 -5.98
C GLY A 193 -1.79 -1.21 -4.57
N ALA A 194 -1.56 -2.20 -3.72
CA ALA A 194 -1.27 -2.00 -2.32
C ALA A 194 0.02 -2.77 -1.98
N VAL A 195 0.93 -2.20 -1.27
CA VAL A 195 2.16 -2.90 -0.87
C VAL A 195 1.73 -4.15 -0.10
N SER A 196 2.35 -5.28 -0.56
CA SER A 196 1.94 -6.57 0.02
C SER A 196 3.02 -7.44 0.64
N TRP A 197 3.98 -7.85 -0.19
CA TRP A 197 5.01 -8.76 0.40
C TRP A 197 6.24 -8.79 -0.44
N GLY A 198 7.27 -9.51 0.02
CA GLY A 198 8.51 -9.60 -0.77
C GLY A 198 9.47 -10.46 0.08
N ASN A 199 10.62 -10.69 -0.44
CA ASN A 199 11.70 -11.41 0.27
C ASN A 199 12.73 -10.35 0.61
N GLY A 200 12.66 -10.00 1.94
CA GLY A 200 13.50 -8.92 2.48
C GLY A 200 13.06 -7.58 1.83
N CYS A 201 13.97 -6.68 1.73
CA CYS A 201 13.70 -5.39 1.09
C CYS A 201 14.81 -4.98 0.16
N ALA A 202 14.49 -4.62 -1.06
CA ALA A 202 15.45 -4.08 -1.99
C ALA A 202 16.60 -5.02 -2.41
N ARG A 203 16.33 -6.29 -2.21
CA ARG A 203 17.32 -7.31 -2.66
C ARG A 203 17.35 -7.43 -4.20
N PRO A 204 18.53 -7.61 -4.73
CA PRO A 204 18.68 -7.78 -6.19
C PRO A 204 17.86 -9.01 -6.53
N ASN A 205 17.20 -8.93 -7.67
CA ASN A 205 16.40 -10.03 -8.15
C ASN A 205 15.34 -10.60 -7.28
N TYR A 206 14.78 -9.78 -6.41
CA TYR A 206 13.66 -10.08 -5.57
C TYR A 206 12.78 -8.81 -5.58
N SER A 207 11.87 -8.84 -6.52
CA SER A 207 10.92 -7.73 -6.67
C SER A 207 9.94 -7.68 -5.50
N GLY A 208 9.43 -6.45 -5.32
CA GLY A 208 8.38 -6.20 -4.32
C GLY A 208 7.12 -6.71 -4.97
N VAL A 209 6.23 -7.26 -4.22
CA VAL A 209 4.97 -7.86 -4.65
C VAL A 209 3.85 -7.02 -4.10
N TYR A 210 2.93 -6.67 -4.98
CA TYR A 210 1.78 -5.80 -4.71
C TYR A 210 0.45 -6.45 -4.99
N ALA A 211 -0.54 -6.19 -4.18
CA ALA A 211 -1.90 -6.70 -4.36
C ALA A 211 -2.43 -5.83 -5.51
N SER A 212 -3.01 -6.51 -6.52
CA SER A 212 -3.51 -5.85 -7.73
C SER A 212 -4.95 -5.35 -7.63
N VAL A 213 -5.10 -4.01 -7.69
CA VAL A 213 -6.44 -3.38 -7.65
C VAL A 213 -7.28 -3.77 -8.91
N GLY A 214 -6.64 -3.76 -10.05
CA GLY A 214 -7.31 -4.11 -11.31
C GLY A 214 -7.91 -5.50 -11.23
N ALA A 215 -7.16 -6.45 -10.66
CA ALA A 215 -7.68 -7.81 -10.53
C ALA A 215 -8.61 -7.98 -9.38
N LEU A 216 -8.65 -7.09 -8.40
CA LEU A 216 -9.50 -7.25 -7.22
C LEU A 216 -10.63 -6.23 -7.13
N ARG A 217 -10.88 -5.52 -8.21
CA ARG A 217 -11.91 -4.50 -8.28
C ARG A 217 -13.27 -4.99 -7.85
N SER A 218 -13.66 -6.24 -8.13
CA SER A 218 -14.98 -6.70 -7.66
C SER A 218 -15.14 -6.67 -6.14
N PHE A 219 -14.09 -6.96 -5.43
CA PHE A 219 -14.03 -6.95 -4.01
C PHE A 219 -14.16 -5.50 -3.51
N ILE A 220 -13.33 -4.66 -4.07
CA ILE A 220 -13.29 -3.24 -3.71
C ILE A 220 -14.67 -2.59 -3.93
N ASP A 221 -15.19 -2.72 -5.14
CA ASP A 221 -16.51 -2.13 -5.46
C ASP A 221 -17.71 -2.59 -4.63
N THR A 222 -17.61 -3.81 -4.15
CA THR A 222 -18.61 -4.45 -3.31
C THR A 222 -18.66 -3.69 -2.00
N TYR A 223 -17.51 -3.26 -1.53
CA TYR A 223 -17.51 -2.62 -0.23
C TYR A 223 -17.14 -1.16 -0.11
N ALA A 224 -16.68 -0.52 -1.12
CA ALA A 224 -16.29 0.89 -1.05
C ALA A 224 -17.60 1.70 -0.97
#